data_4HJS
#
_entry.id   4HJS
#
_cell.length_a   42.522
_cell.length_b   85.747
_cell.length_c   63.373
_cell.angle_alpha   90.00
_cell.angle_beta   90.00
_cell.angle_gamma   90.00
#
_symmetry.space_group_name_H-M   'P 21 21 2'
#
loop_
_entity.id
_entity.type
_entity.pdbx_description
1 polymer Transthyretin
2 non-polymer N-{4-[(E)-2-(4-hydroxy-3,5-dimethylphenyl)ethenyl]phenyl}ethanesulfonamide
3 water water
#
_entity_poly.entity_id   1
_entity_poly.type   'polypeptide(L)'
_entity_poly.pdbx_seq_one_letter_code
;CPLMVKVLDAVRGSPAINVAVHVFRKAADDTWEPFASGKTSESGELHGLTTEEEFVEGIYKVEIDTKSYWKALGISPFHE
HAEVVFTANDSGPRRYTIAALLSPYSYSTTAVVTNP
;
_entity_poly.pdbx_strand_id   A,B
#
# COMPACT_ATOMS: atom_id res chain seq x y z
N CYS A 1 -1.51 -18.69 14.37
CA CYS A 1 -2.16 -17.34 14.27
C CYS A 1 -1.16 -16.18 14.29
N PRO A 2 0.01 -16.36 13.65
CA PRO A 2 0.89 -15.24 13.72
C PRO A 2 0.61 -14.17 12.69
N LEU A 3 -0.32 -14.36 11.74
CA LEU A 3 -0.62 -13.33 10.77
C LEU A 3 -2.12 -13.36 10.51
N MET A 4 -2.78 -12.24 10.74
CA MET A 4 -4.21 -12.11 10.51
C MET A 4 -4.40 -10.82 9.74
N VAL A 5 -5.38 -10.84 8.84
CA VAL A 5 -5.73 -9.65 8.07
C VAL A 5 -7.20 -9.34 8.31
N LYS A 6 -7.49 -8.07 8.58
CA LYS A 6 -8.86 -7.57 8.84
CA LYS A 6 -8.82 -7.53 8.87
C LYS A 6 -9.16 -6.44 7.90
N VAL A 7 -10.31 -6.47 7.18
CA VAL A 7 -10.65 -5.47 6.19
C VAL A 7 -12.05 -4.96 6.47
N LEU A 8 -12.17 -3.64 6.44
CA LEU A 8 -13.41 -2.92 6.69
C LEU A 8 -13.77 -2.06 5.48
N ASP A 9 -15.06 -1.83 5.28
CA ASP A 9 -15.61 -1.03 4.18
C ASP A 9 -16.18 0.27 4.75
N ALA A 10 -15.58 1.38 4.34
CA ALA A 10 -15.91 2.72 4.84
C ALA A 10 -17.15 3.33 4.14
N VAL A 11 -17.64 2.69 3.09
CA VAL A 11 -18.83 3.15 2.40
C VAL A 11 -20.10 2.58 3.03
N ARG A 12 -20.04 1.31 3.33
CA ARG A 12 -21.12 0.50 3.89
CA ARG A 12 -21.20 0.65 3.90
C ARG A 12 -21.16 0.53 5.40
N GLY A 13 -20.01 0.74 6.05
CA GLY A 13 -19.96 0.61 7.51
C GLY A 13 -20.04 -0.82 7.93
N SER A 14 -19.26 -1.67 7.27
CA SER A 14 -19.37 -3.11 7.46
CA SER A 14 -19.38 -3.13 7.41
C SER A 14 -18.00 -3.76 7.30
N PRO A 15 -17.85 -5.00 7.75
CA PRO A 15 -16.71 -5.76 7.30
C PRO A 15 -16.66 -5.85 5.79
N ALA A 16 -15.48 -5.98 5.21
CA ALA A 16 -15.32 -6.19 3.79
C ALA A 16 -15.17 -7.69 3.60
N ILE A 17 -16.22 -8.30 3.05
CA ILE A 17 -16.29 -9.75 2.97
CA ILE A 17 -16.38 -9.73 2.97
C ILE A 17 -15.82 -10.22 1.63
N ASN A 18 -15.23 -11.41 1.62
CA ASN A 18 -14.80 -12.03 0.36
CA ASN A 18 -14.77 -12.07 0.41
C ASN A 18 -13.72 -11.24 -0.35
N VAL A 19 -12.85 -10.60 0.40
CA VAL A 19 -11.70 -9.86 -0.14
C VAL A 19 -10.55 -10.87 -0.30
N ALA A 20 -10.01 -11.00 -1.51
CA ALA A 20 -8.83 -11.82 -1.73
C ALA A 20 -7.58 -11.13 -1.21
N VAL A 21 -6.72 -11.94 -0.60
CA VAL A 21 -5.47 -11.46 -0.01
C VAL A 21 -4.36 -12.40 -0.40
N HIS A 22 -3.28 -11.85 -0.93
CA HIS A 22 -2.10 -12.65 -1.30
C HIS A 22 -0.91 -12.14 -0.52
N VAL A 23 -0.17 -13.04 0.10
CA VAL A 23 1.03 -12.71 0.85
C VAL A 23 2.23 -13.24 0.06
N PHE A 24 3.28 -12.40 -0.04
CA PHE A 24 4.54 -12.76 -0.72
C PHE A 24 5.69 -12.53 0.27
N ARG A 25 6.79 -13.24 0.04
CA ARG A 25 8.00 -13.06 0.86
C ARG A 25 9.16 -12.87 -0.07
N LYS A 26 10.00 -11.91 0.23
CA LYS A 26 11.16 -11.63 -0.61
CA LYS A 26 11.16 -11.65 -0.64
C LYS A 26 12.18 -12.77 -0.51
N ALA A 27 12.60 -13.32 -1.63
CA ALA A 27 13.58 -14.40 -1.69
C ALA A 27 14.96 -13.80 -1.74
N ALA A 28 15.95 -14.68 -1.60
CA ALA A 28 17.35 -14.28 -1.62
C ALA A 28 17.78 -13.57 -2.89
N ASP A 29 17.13 -13.90 -4.01
CA ASP A 29 17.41 -13.24 -5.28
C ASP A 29 16.57 -11.98 -5.51
N ASP A 30 15.94 -11.48 -4.44
CA ASP A 30 15.14 -10.25 -4.45
C ASP A 30 13.80 -10.31 -5.22
N THR A 31 13.37 -11.50 -5.63
CA THR A 31 12.02 -11.70 -6.23
C THR A 31 11.03 -11.88 -5.10
N TRP A 32 9.76 -11.67 -5.42
CA TRP A 32 8.69 -11.88 -4.48
C TRP A 32 8.12 -13.26 -4.70
N GLU A 33 8.28 -14.13 -3.74
CA GLU A 33 7.82 -15.52 -3.78
CA GLU A 33 7.78 -15.47 -3.87
C GLU A 33 6.44 -15.59 -3.18
N PRO A 34 5.51 -16.34 -3.80
CA PRO A 34 4.22 -16.55 -3.16
C PRO A 34 4.39 -17.26 -1.83
N PHE A 35 3.70 -16.77 -0.80
CA PHE A 35 3.83 -17.29 0.56
C PHE A 35 2.52 -17.89 1.10
N ALA A 36 1.41 -17.17 0.96
CA ALA A 36 0.12 -17.69 1.40
C ALA A 36 -0.95 -16.82 0.76
N SER A 37 -2.17 -17.32 0.72
CA SER A 37 -3.30 -16.51 0.24
C SER A 37 -4.61 -17.01 0.86
N GLY A 38 -5.63 -16.19 0.77
CA GLY A 38 -6.93 -16.55 1.30
C GLY A 38 -7.93 -15.48 1.00
N LYS A 39 -9.10 -15.59 1.61
CA LYS A 39 -10.25 -14.69 1.40
CA LYS A 39 -10.06 -14.47 1.49
C LYS A 39 -10.78 -14.24 2.78
N THR A 40 -11.19 -13.00 2.96
CA THR A 40 -11.84 -12.61 4.20
C THR A 40 -13.21 -13.26 4.34
N SER A 41 -13.56 -13.53 5.58
CA SER A 41 -14.81 -14.14 6.01
C SER A 41 -15.90 -13.08 6.11
N GLU A 42 -17.07 -13.54 6.58
CA GLU A 42 -18.23 -12.71 6.92
CA GLU A 42 -18.17 -12.60 6.78
C GLU A 42 -17.90 -11.57 7.89
N SER A 43 -16.87 -11.79 8.71
CA SER A 43 -16.45 -10.81 9.70
C SER A 43 -15.35 -9.87 9.18
N GLY A 44 -14.94 -10.07 7.94
CA GLY A 44 -13.86 -9.29 7.34
C GLY A 44 -12.48 -9.76 7.75
N GLU A 45 -12.39 -10.96 8.32
CA GLU A 45 -11.11 -11.46 8.85
C GLU A 45 -10.62 -12.62 8.03
N LEU A 46 -9.31 -12.72 7.98
CA LEU A 46 -8.66 -13.84 7.35
C LEU A 46 -7.59 -14.35 8.29
N HIS A 47 -7.85 -15.56 8.78
CA HIS A 47 -7.07 -16.33 9.71
C HIS A 47 -6.48 -17.52 8.93
N GLY A 48 -5.52 -18.17 9.53
CA GLY A 48 -5.02 -19.42 9.00
C GLY A 48 -4.09 -19.28 7.80
N LEU A 49 -3.54 -18.09 7.55
CA LEU A 49 -2.64 -17.92 6.41
C LEU A 49 -1.36 -18.71 6.57
N THR A 50 -0.80 -18.74 7.78
CA THR A 50 0.48 -19.39 7.99
C THR A 50 0.57 -19.98 9.36
N THR A 51 1.73 -20.57 9.64
CA THR A 51 2.00 -21.22 10.90
C THR A 51 3.26 -20.56 11.49
N GLU A 52 3.49 -20.71 12.79
N GLU A 52 3.43 -20.71 12.80
CA GLU A 52 4.70 -20.12 13.37
CA GLU A 52 4.63 -20.28 13.49
C GLU A 52 5.98 -20.78 12.82
C GLU A 52 5.88 -20.76 12.76
N GLU A 53 5.92 -22.05 12.43
CA GLU A 53 7.09 -22.67 11.75
C GLU A 53 7.41 -22.08 10.39
N GLU A 54 6.38 -21.82 9.58
CA GLU A 54 6.53 -21.34 8.21
CA GLU A 54 6.69 -21.38 8.23
C GLU A 54 6.89 -19.87 8.17
N PHE A 55 6.38 -19.12 9.13
CA PHE A 55 6.48 -17.65 9.14
C PHE A 55 7.81 -17.21 9.75
N VAL A 56 8.84 -17.40 8.96
CA VAL A 56 10.20 -17.09 9.40
C VAL A 56 10.48 -15.59 9.24
N GLU A 57 11.65 -15.14 9.66
CA GLU A 57 12.15 -13.81 9.36
CA GLU A 57 12.04 -13.77 9.40
C GLU A 57 12.06 -13.55 7.89
N GLY A 58 11.73 -12.33 7.49
CA GLY A 58 11.84 -11.94 6.10
C GLY A 58 11.09 -10.64 5.88
N ILE A 59 11.10 -10.20 4.64
CA ILE A 59 10.33 -9.07 4.19
C ILE A 59 9.09 -9.64 3.49
N TYR A 60 7.94 -9.24 3.97
CA TYR A 60 6.65 -9.74 3.51
C TYR A 60 5.86 -8.62 2.88
N LYS A 61 5.06 -8.99 1.90
CA LYS A 61 4.12 -8.09 1.22
C LYS A 61 2.75 -8.71 1.32
N VAL A 62 1.83 -8.00 1.95
CA VAL A 62 0.43 -8.40 2.00
C VAL A 62 -0.33 -7.55 1.00
N GLU A 63 -0.82 -8.21 -0.06
CA GLU A 63 -1.55 -7.51 -1.14
CA GLU A 63 -1.53 -7.53 -1.14
C GLU A 63 -3.02 -7.83 -0.96
N ILE A 64 -3.82 -6.80 -0.74
CA ILE A 64 -5.25 -6.90 -0.54
C ILE A 64 -5.92 -6.45 -1.82
N ASP A 65 -6.69 -7.35 -2.41
CA ASP A 65 -7.23 -7.13 -3.75
C ASP A 65 -8.47 -6.26 -3.77
N THR A 66 -8.25 -4.99 -3.54
CA THR A 66 -9.32 -4.03 -3.37
C THR A 66 -10.10 -3.79 -4.66
N LYS A 67 -9.42 -3.79 -5.80
CA LYS A 67 -10.12 -3.51 -7.07
CA LYS A 67 -10.13 -3.52 -7.07
C LYS A 67 -11.14 -4.61 -7.33
N SER A 68 -10.71 -5.86 -7.14
CA SER A 68 -11.58 -6.98 -7.31
C SER A 68 -12.80 -6.92 -6.37
N TYR A 69 -12.60 -6.50 -5.12
CA TYR A 69 -13.65 -6.30 -4.15
C TYR A 69 -14.68 -5.27 -4.66
N TRP A 70 -14.23 -4.09 -5.03
CA TRP A 70 -15.11 -3.01 -5.43
C TRP A 70 -15.84 -3.39 -6.72
N LYS A 71 -15.12 -3.99 -7.67
CA LYS A 71 -15.75 -4.37 -8.93
C LYS A 71 -16.87 -5.40 -8.70
N ALA A 72 -16.71 -6.35 -7.78
CA ALA A 72 -17.76 -7.35 -7.46
C ALA A 72 -19.01 -6.68 -6.88
N LEU A 73 -18.87 -5.48 -6.32
CA LEU A 73 -19.97 -4.65 -5.80
C LEU A 73 -20.49 -3.64 -6.84
N GLY A 74 -19.94 -3.70 -8.04
CA GLY A 74 -20.41 -2.86 -9.13
C GLY A 74 -19.85 -1.47 -9.14
N ILE A 75 -18.74 -1.25 -8.43
CA ILE A 75 -18.07 0.04 -8.25
C ILE A 75 -16.72 0.01 -9.00
N SER A 76 -16.38 1.11 -9.69
CA SER A 76 -15.10 1.33 -10.37
C SER A 76 -14.13 2.09 -9.43
N PRO A 77 -13.18 1.42 -8.79
CA PRO A 77 -12.34 2.08 -7.83
C PRO A 77 -11.04 2.62 -8.45
N PHE A 78 -10.26 3.34 -7.67
CA PHE A 78 -9.02 3.94 -8.15
C PHE A 78 -7.85 2.94 -8.13
N HIS A 79 -7.62 2.31 -6.99
CA HIS A 79 -6.41 1.54 -6.77
C HIS A 79 -6.54 0.14 -7.35
N GLU A 80 -5.45 -0.47 -7.71
CA GLU A 80 -5.46 -1.88 -8.10
C GLU A 80 -5.54 -2.80 -6.88
N HIS A 81 -4.81 -2.47 -5.84
CA HIS A 81 -4.73 -3.24 -4.62
C HIS A 81 -4.22 -2.33 -3.54
N ALA A 82 -4.26 -2.77 -2.30
CA ALA A 82 -3.55 -2.10 -1.20
C ALA A 82 -2.47 -3.03 -0.79
N GLU A 83 -1.27 -2.51 -0.67
CA GLU A 83 -0.11 -3.32 -0.35
C GLU A 83 0.47 -2.88 0.97
N VAL A 84 0.92 -3.84 1.71
CA VAL A 84 1.56 -3.57 3.01
C VAL A 84 2.84 -4.36 3.01
N VAL A 85 3.97 -3.66 3.09
CA VAL A 85 5.27 -4.30 3.00
C VAL A 85 6.07 -4.03 4.27
N PHE A 86 6.57 -5.08 4.91
CA PHE A 86 7.21 -4.97 6.22
C PHE A 86 8.14 -6.11 6.48
N THR A 87 9.14 -5.85 7.32
CA THR A 87 9.99 -6.89 7.85
C THR A 87 9.29 -7.51 9.06
N ALA A 88 9.26 -8.84 9.11
CA ALA A 88 8.61 -9.59 10.19
C ALA A 88 9.60 -10.47 10.92
N ASN A 89 9.35 -10.64 12.21
CA ASN A 89 10.04 -11.60 13.05
C ASN A 89 11.55 -11.40 13.15
N ASP A 90 12.01 -10.17 13.01
CA ASP A 90 13.45 -9.86 13.05
C ASP A 90 14.07 -9.85 14.45
N SER A 91 13.26 -9.67 15.48
CA SER A 91 13.74 -9.83 16.86
C SER A 91 12.93 -10.97 17.50
N GLY A 92 12.68 -12.03 16.73
CA GLY A 92 11.96 -13.20 17.21
C GLY A 92 10.49 -13.17 16.78
N PRO A 93 9.78 -14.28 16.98
CA PRO A 93 8.41 -14.38 16.50
C PRO A 93 7.51 -13.32 17.12
N ARG A 94 6.70 -12.71 16.27
CA ARG A 94 5.62 -11.83 16.74
C ARG A 94 4.31 -12.21 16.06
N ARG A 95 3.21 -11.74 16.65
CA ARG A 95 1.93 -11.87 16.01
C ARG A 95 1.53 -10.55 15.35
N TYR A 96 1.11 -10.62 14.10
CA TYR A 96 0.82 -9.45 13.30
C TYR A 96 -0.64 -9.45 12.86
N THR A 97 -1.34 -8.36 13.15
CA THR A 97 -2.64 -8.10 12.53
C THR A 97 -2.48 -6.90 11.60
N ILE A 98 -2.77 -7.10 10.34
CA ILE A 98 -2.77 -6.07 9.32
C ILE A 98 -4.21 -5.71 9.03
N ALA A 99 -4.55 -4.46 9.29
CA ALA A 99 -5.91 -4.00 9.09
C ALA A 99 -5.97 -2.96 8.00
N ALA A 100 -7.04 -2.98 7.23
CA ALA A 100 -7.25 -2.02 6.16
C ALA A 100 -8.70 -1.55 6.16
N LEU A 101 -8.88 -0.26 5.89
CA LEU A 101 -10.17 0.40 5.81
C LEU A 101 -10.30 0.98 4.41
N LEU A 102 -11.29 0.53 3.65
CA LEU A 102 -11.36 0.80 2.23
C LEU A 102 -12.46 1.76 1.83
N SER A 103 -12.09 2.65 0.94
CA SER A 103 -13.04 3.50 0.17
C SER A 103 -12.69 3.41 -1.30
N PRO A 104 -13.58 3.87 -2.21
CA PRO A 104 -13.25 3.69 -3.63
C PRO A 104 -11.98 4.40 -4.12
N TYR A 105 -11.67 5.56 -3.57
CA TYR A 105 -10.46 6.32 -3.97
C TYR A 105 -9.42 6.48 -2.85
N SER A 106 -9.55 5.71 -1.78
CA SER A 106 -8.67 5.87 -0.64
CA SER A 106 -8.63 5.85 -0.65
C SER A 106 -8.61 4.59 0.17
N TYR A 107 -7.53 4.41 0.92
CA TYR A 107 -7.54 3.41 1.96
C TYR A 107 -6.59 3.82 3.07
N SER A 108 -6.81 3.24 4.24
CA SER A 108 -5.82 3.33 5.30
CA SER A 108 -5.88 3.35 5.36
CA SER A 108 -5.94 3.35 5.42
C SER A 108 -5.51 1.94 5.79
N THR A 109 -4.30 1.81 6.31
CA THR A 109 -3.85 0.54 6.86
C THR A 109 -3.06 0.76 8.12
N THR A 110 -3.16 -0.18 9.03
CA THR A 110 -2.37 -0.15 10.25
C THR A 110 -1.94 -1.56 10.58
N ALA A 111 -0.96 -1.63 11.46
CA ALA A 111 -0.49 -2.91 11.99
C ALA A 111 -0.59 -2.90 13.51
N VAL A 112 -1.03 -4.04 14.03
CA VAL A 112 -0.93 -4.31 15.46
C VAL A 112 0.03 -5.48 15.61
N VAL A 113 1.11 -5.26 16.37
CA VAL A 113 2.19 -6.24 16.54
C VAL A 113 2.27 -6.56 18.02
N THR A 114 2.10 -7.82 18.35
CA THR A 114 2.15 -8.26 19.77
C THR A 114 3.15 -9.37 19.93
N ASN A 115 3.67 -9.43 21.13
CA ASN A 115 4.67 -10.44 21.49
C ASN A 115 4.02 -11.49 22.36
N PRO A 116 3.93 -12.73 21.86
CA PRO A 116 3.33 -13.79 22.68
C PRO A 116 4.26 -14.29 23.78
N CYS B 1 1.23 19.57 -15.63
CA CYS B 1 1.73 18.35 -14.94
C CYS B 1 0.60 17.43 -14.47
N PRO B 2 0.55 16.23 -15.04
CA PRO B 2 -0.54 15.36 -14.76
C PRO B 2 -0.45 14.54 -13.49
N LEU B 3 0.69 14.55 -12.81
CA LEU B 3 0.87 13.70 -11.62
C LEU B 3 1.63 14.49 -10.56
N MET B 4 1.05 14.56 -9.36
CA MET B 4 1.72 15.21 -8.21
CA MET B 4 1.74 15.18 -8.22
C MET B 4 1.61 14.26 -7.04
N VAL B 5 2.62 14.26 -6.16
CA VAL B 5 2.58 13.46 -4.97
C VAL B 5 2.73 14.40 -3.79
N LYS B 6 1.90 14.23 -2.76
CA LYS B 6 1.87 15.04 -1.52
CA LYS B 6 2.04 14.99 -1.55
C LYS B 6 2.01 14.09 -0.35
N VAL B 7 2.98 14.38 0.59
CA VAL B 7 3.19 13.50 1.73
C VAL B 7 3.16 14.34 2.99
N LEU B 8 2.41 13.86 3.96
CA LEU B 8 2.23 14.50 5.26
C LEU B 8 2.66 13.56 6.37
N ASP B 9 3.05 14.14 7.51
CA ASP B 9 3.56 13.43 8.69
C ASP B 9 2.55 13.65 9.82
N ALA B 10 1.94 12.56 10.28
CA ALA B 10 0.92 12.57 11.33
C ALA B 10 1.49 12.58 12.75
N VAL B 11 2.80 12.40 12.91
CA VAL B 11 3.45 12.43 14.22
C VAL B 11 3.88 13.85 14.57
N ARG B 12 4.48 14.53 13.60
CA ARG B 12 4.96 15.90 13.80
C ARG B 12 3.95 16.97 13.37
N GLY B 13 2.91 16.61 12.60
CA GLY B 13 1.95 17.58 12.10
C GLY B 13 2.56 18.51 11.09
N SER B 14 3.20 17.93 10.10
CA SER B 14 3.98 18.70 9.15
C SER B 14 3.95 18.05 7.80
N PRO B 15 4.36 18.78 6.76
CA PRO B 15 4.73 18.09 5.55
C PRO B 15 5.83 17.08 5.80
N ALA B 16 5.89 16.03 5.02
CA ALA B 16 6.98 15.07 5.07
C ALA B 16 8.02 15.48 4.05
N ILE B 17 9.10 16.10 4.54
CA ILE B 17 10.08 16.76 3.72
C ILE B 17 11.22 15.82 3.36
N ASN B 18 11.73 15.90 2.13
CA ASN B 18 12.87 15.13 1.67
CA ASN B 18 12.87 15.10 1.68
C ASN B 18 12.64 13.60 1.69
N VAL B 19 11.42 13.21 1.37
CA VAL B 19 11.05 11.81 1.24
C VAL B 19 11.33 11.39 -0.18
N ALA B 20 12.03 10.27 -0.40
CA ALA B 20 12.25 9.75 -1.73
C ALA B 20 10.96 9.08 -2.23
N VAL B 21 10.63 9.36 -3.49
CA VAL B 21 9.42 8.84 -4.14
C VAL B 21 9.88 8.28 -5.48
N HIS B 22 9.49 7.04 -5.79
CA HIS B 22 9.79 6.41 -7.06
C HIS B 22 8.49 6.00 -7.72
N VAL B 23 8.35 6.31 -8.99
CA VAL B 23 7.18 5.93 -9.81
C VAL B 23 7.66 4.93 -10.83
N PHE B 24 6.86 3.88 -10.98
CA PHE B 24 7.11 2.79 -11.93
C PHE B 24 5.87 2.62 -12.81
N ARG B 25 6.09 2.14 -14.01
CA ARG B 25 5.01 1.80 -14.95
CA ARG B 25 4.96 1.78 -14.87
C ARG B 25 5.07 0.31 -15.22
N LYS B 26 3.92 -0.36 -15.21
CA LYS B 26 3.92 -1.78 -15.45
C LYS B 26 4.17 -2.06 -16.92
N ALA B 27 5.15 -2.91 -17.21
CA ALA B 27 5.52 -3.31 -18.56
C ALA B 27 4.68 -4.51 -19.05
N ALA B 28 4.82 -4.79 -20.33
CA ALA B 28 4.05 -5.86 -20.98
C ALA B 28 4.28 -7.23 -20.35
N ASP B 29 5.48 -7.47 -19.83
CA ASP B 29 5.80 -8.72 -19.14
C ASP B 29 5.46 -8.71 -17.64
N ASP B 30 4.66 -7.73 -17.20
CA ASP B 30 4.25 -7.57 -15.79
C ASP B 30 5.36 -7.12 -14.83
N THR B 31 6.53 -6.74 -15.35
CA THR B 31 7.59 -6.18 -14.50
C THR B 31 7.35 -4.69 -14.34
N TRP B 32 7.95 -4.10 -13.30
CA TRP B 32 7.80 -2.67 -13.01
C TRP B 32 8.99 -1.91 -13.57
N GLU B 33 8.77 -1.03 -14.53
CA GLU B 33 9.92 -0.29 -15.06
CA GLU B 33 9.81 -0.23 -15.20
C GLU B 33 9.94 1.12 -14.51
N PRO B 34 11.15 1.57 -14.14
CA PRO B 34 11.23 2.92 -13.60
C PRO B 34 10.66 3.94 -14.57
N PHE B 35 9.94 4.89 -14.02
CA PHE B 35 9.25 5.90 -14.78
C PHE B 35 9.66 7.32 -14.41
N ALA B 36 9.70 7.64 -13.11
CA ALA B 36 10.06 8.98 -12.62
C ALA B 36 10.41 8.88 -11.16
N SER B 37 11.15 9.84 -10.63
CA SER B 37 11.39 9.83 -9.20
C SER B 37 11.83 11.20 -8.73
N GLY B 38 11.86 11.40 -7.42
CA GLY B 38 12.36 12.65 -6.85
C GLY B 38 12.23 12.61 -5.35
N LYS B 39 12.45 13.76 -4.74
CA LYS B 39 12.32 13.93 -3.30
C LYS B 39 11.32 15.03 -3.00
N THR B 40 10.47 14.83 -1.99
CA THR B 40 9.50 15.85 -1.65
C THR B 40 10.20 17.11 -1.18
N SER B 41 9.55 18.24 -1.43
CA SER B 41 10.01 19.58 -1.12
C SER B 41 9.72 19.88 0.34
N GLU B 42 10.05 21.12 0.72
CA GLU B 42 9.65 21.64 2.01
C GLU B 42 8.15 21.67 2.29
N SER B 43 7.35 21.65 1.23
CA SER B 43 5.90 21.61 1.41
C SER B 43 5.35 20.17 1.36
N GLY B 44 6.23 19.18 1.25
CA GLY B 44 5.83 17.79 1.16
C GLY B 44 5.38 17.37 -0.22
N GLU B 45 5.67 18.17 -1.22
CA GLU B 45 5.18 17.95 -2.57
C GLU B 45 6.29 17.58 -3.51
N LEU B 46 5.89 16.81 -4.50
CA LEU B 46 6.77 16.47 -5.57
C LEU B 46 6.03 16.68 -6.87
N HIS B 47 6.48 17.73 -7.54
CA HIS B 47 6.01 18.22 -8.81
C HIS B 47 6.98 17.83 -9.89
N GLY B 48 6.52 17.92 -11.13
CA GLY B 48 7.40 17.75 -12.27
C GLY B 48 7.84 16.34 -12.58
N LEU B 49 7.13 15.36 -12.06
CA LEU B 49 7.48 13.98 -12.31
C LEU B 49 7.39 13.58 -13.77
N THR B 50 6.37 14.07 -14.47
CA THR B 50 6.12 13.64 -15.84
C THR B 50 5.43 14.74 -16.60
N THR B 51 5.21 14.45 -17.87
CA THR B 51 4.53 15.37 -18.74
C THR B 51 3.30 14.69 -19.28
N GLU B 52 2.37 15.46 -19.82
CA GLU B 52 1.16 14.89 -20.40
C GLU B 52 1.52 13.89 -21.49
N GLU B 53 2.52 14.19 -22.31
CA GLU B 53 2.94 13.31 -23.41
C GLU B 53 3.45 11.96 -22.94
N GLU B 54 4.14 11.96 -21.83
CA GLU B 54 4.73 10.73 -21.30
C GLU B 54 3.76 9.82 -20.51
N PHE B 55 2.82 10.45 -19.87
CA PHE B 55 1.93 9.78 -18.91
C PHE B 55 0.72 9.14 -19.57
N VAL B 56 0.99 8.07 -20.27
CA VAL B 56 -0.03 7.33 -20.99
C VAL B 56 -0.82 6.41 -20.07
N GLU B 57 -1.98 5.94 -20.52
CA GLU B 57 -2.77 5.01 -19.76
C GLU B 57 -1.95 3.79 -19.43
N GLY B 58 -2.23 3.22 -18.27
CA GLY B 58 -1.51 2.03 -17.83
C GLY B 58 -1.55 1.96 -16.31
N ILE B 59 -0.88 0.96 -15.78
CA ILE B 59 -0.80 0.74 -14.34
C ILE B 59 0.51 1.33 -13.85
N TYR B 60 0.40 2.14 -12.81
CA TYR B 60 1.56 2.79 -12.22
C TYR B 60 1.62 2.45 -10.75
N LYS B 61 2.84 2.47 -10.23
CA LYS B 61 3.09 2.26 -8.82
CA LYS B 61 3.13 2.25 -8.82
C LYS B 61 3.93 3.43 -8.30
N VAL B 62 3.49 4.04 -7.22
CA VAL B 62 4.22 5.09 -6.55
C VAL B 62 4.72 4.48 -5.24
N GLU B 63 6.03 4.42 -5.08
CA GLU B 63 6.68 3.89 -3.87
CA GLU B 63 6.70 3.88 -3.86
C GLU B 63 7.27 5.05 -3.10
N ILE B 64 6.86 5.20 -1.87
CA ILE B 64 7.29 6.28 -0.99
C ILE B 64 8.21 5.65 0.06
N ASP B 65 9.44 6.15 0.16
CA ASP B 65 10.45 5.52 1.05
CA ASP B 65 10.43 5.52 1.01
C ASP B 65 10.28 5.98 2.48
N THR B 66 9.27 5.47 3.13
CA THR B 66 8.89 5.89 4.45
C THR B 66 9.90 5.41 5.51
N LYS B 67 10.51 4.25 5.31
CA LYS B 67 11.41 3.75 6.32
C LYS B 67 12.60 4.70 6.51
N SER B 68 13.18 5.14 5.42
CA SER B 68 14.28 6.11 5.47
C SER B 68 13.86 7.44 6.07
N TYR B 69 12.65 7.86 5.73
CA TYR B 69 12.10 9.06 6.31
C TYR B 69 12.07 9.00 7.84
N TRP B 70 11.46 7.94 8.37
CA TRP B 70 11.35 7.81 9.82
C TRP B 70 12.71 7.66 10.49
N LYS B 71 13.59 6.91 9.87
CA LYS B 71 14.92 6.72 10.50
CA LYS B 71 14.90 6.72 10.53
C LYS B 71 15.69 8.02 10.55
N ALA B 72 15.54 8.88 9.55
CA ALA B 72 16.26 10.16 9.55
C ALA B 72 15.74 11.09 10.66
N LEU B 73 14.53 10.87 11.14
CA LEU B 73 13.91 11.57 12.28
C LEU B 73 14.12 10.85 13.62
N GLY B 74 14.79 9.71 13.60
CA GLY B 74 15.04 8.98 14.82
C GLY B 74 13.87 8.14 15.34
N ILE B 75 12.92 7.75 14.47
CA ILE B 75 11.73 7.06 14.88
C ILE B 75 11.74 5.68 14.24
N SER B 76 11.36 4.67 15.00
CA SER B 76 11.34 3.30 14.54
C SER B 76 10.03 3.04 13.73
N PRO B 77 10.14 2.62 12.50
CA PRO B 77 9.01 2.42 11.65
C PRO B 77 8.65 0.95 11.40
N PHE B 78 7.44 0.68 10.98
CA PHE B 78 6.98 -0.66 10.64
C PHE B 78 7.27 -1.03 9.18
N HIS B 79 6.82 -0.19 8.27
CA HIS B 79 6.82 -0.55 6.87
C HIS B 79 8.15 -0.37 6.21
N GLU B 80 8.43 -1.12 5.17
CA GLU B 80 9.57 -0.85 4.30
C GLU B 80 9.38 0.40 3.47
N HIS B 81 8.19 0.56 2.97
CA HIS B 81 7.82 1.68 2.12
C HIS B 81 6.33 1.68 2.07
N ALA B 82 5.73 2.74 1.54
CA ALA B 82 4.32 2.75 1.24
C ALA B 82 4.21 2.67 -0.28
N GLU B 83 3.32 1.85 -0.81
N GLU B 83 3.21 1.92 -0.71
CA GLU B 83 3.11 1.88 -2.26
CA GLU B 83 2.96 1.68 -2.11
C GLU B 83 1.69 1.94 -2.67
C GLU B 83 1.59 2.21 -2.47
N VAL B 84 1.49 2.80 -3.66
CA VAL B 84 0.18 3.12 -4.20
C VAL B 84 0.16 2.67 -5.63
N VAL B 85 -0.74 1.77 -5.93
CA VAL B 85 -0.81 1.15 -7.27
C VAL B 85 -2.16 1.46 -7.88
N PHE B 86 -2.18 2.02 -9.10
CA PHE B 86 -3.45 2.49 -9.72
C PHE B 86 -3.33 2.45 -11.21
N THR B 87 -4.48 2.49 -11.87
CA THR B 87 -4.56 2.65 -13.33
C THR B 87 -4.85 4.10 -13.70
N ALA B 88 -4.01 4.67 -14.57
CA ALA B 88 -4.29 5.95 -15.25
C ALA B 88 -5.28 5.66 -16.38
N ASN B 89 -6.38 6.40 -16.39
CA ASN B 89 -7.50 6.20 -17.33
CA ASN B 89 -7.49 6.23 -17.34
C ASN B 89 -7.82 7.53 -18.02
N ASP B 90 -7.73 7.59 -19.36
CA ASP B 90 -8.00 8.84 -20.07
C ASP B 90 -9.52 9.24 -20.02
N SER B 91 -10.40 8.31 -19.70
CA SER B 91 -11.85 8.62 -19.61
C SER B 91 -12.19 9.46 -18.36
N GLY B 92 -11.28 9.51 -17.39
CA GLY B 92 -11.50 10.28 -16.16
C GLY B 92 -10.77 11.61 -16.22
N PRO B 93 -10.78 12.36 -15.11
CA PRO B 93 -10.12 13.66 -15.14
C PRO B 93 -8.58 13.54 -15.27
N ARG B 94 -7.92 14.65 -15.58
CA ARG B 94 -6.66 14.62 -16.24
C ARG B 94 -5.52 14.91 -15.32
N ARG B 95 -5.79 15.40 -14.11
CA ARG B 95 -4.71 15.65 -13.17
C ARG B 95 -4.88 14.73 -11.97
N TYR B 96 -3.81 14.01 -11.62
CA TYR B 96 -3.80 13.07 -10.50
C TYR B 96 -2.90 13.59 -9.38
N THR B 97 -3.47 13.75 -8.20
CA THR B 97 -2.68 13.95 -6.99
C THR B 97 -2.80 12.73 -6.09
N ILE B 98 -1.67 12.12 -5.80
CA ILE B 98 -1.60 10.99 -4.87
C ILE B 98 -1.10 11.58 -3.54
N ALA B 99 -1.93 11.49 -2.50
CA ALA B 99 -1.59 12.02 -1.20
C ALA B 99 -1.43 10.88 -0.23
N ALA B 100 -0.45 10.98 0.68
CA ALA B 100 -0.22 10.02 1.70
C ALA B 100 0.02 10.70 3.04
N LEU B 101 -0.53 10.13 4.08
CA LEU B 101 -0.44 10.62 5.44
C LEU B 101 0.23 9.51 6.27
N LEU B 102 1.42 9.79 6.81
CA LEU B 102 2.30 8.76 7.38
C LEU B 102 2.34 8.77 8.91
N SER B 103 2.22 7.59 9.46
CA SER B 103 2.55 7.33 10.87
C SER B 103 3.50 6.15 10.93
N PRO B 104 4.14 5.92 12.09
CA PRO B 104 5.14 4.87 12.12
C PRO B 104 4.63 3.48 11.82
N TYR B 105 3.41 3.12 12.25
CA TYR B 105 2.82 1.81 12.06
C TYR B 105 1.58 1.87 11.16
N SER B 106 1.34 2.99 10.46
CA SER B 106 0.12 3.16 9.68
CA SER B 106 0.12 3.12 9.64
C SER B 106 0.34 4.15 8.58
N TYR B 107 -0.44 4.03 7.52
CA TYR B 107 -0.55 5.15 6.59
C TYR B 107 -1.92 5.15 5.95
N SER B 108 -2.29 6.31 5.48
CA SER B 108 -3.48 6.45 4.68
CA SER B 108 -3.52 6.58 4.74
CA SER B 108 -3.49 6.46 4.68
C SER B 108 -3.09 7.13 3.38
N THR B 109 -3.86 6.81 2.33
CA THR B 109 -3.60 7.40 1.03
C THR B 109 -4.90 7.65 0.31
N THR B 110 -4.94 8.72 -0.45
CA THR B 110 -6.12 9.06 -1.29
C THR B 110 -5.65 9.58 -2.61
N ALA B 111 -6.59 9.60 -3.55
CA ALA B 111 -6.38 10.17 -4.87
C ALA B 111 -7.33 11.32 -5.03
N VAL B 112 -6.83 12.41 -5.57
CA VAL B 112 -7.64 13.55 -5.96
C VAL B 112 -7.42 13.69 -7.46
N VAL B 113 -8.48 13.43 -8.22
CA VAL B 113 -8.38 13.40 -9.69
C VAL B 113 -9.37 14.44 -10.21
N THR B 114 -8.81 15.46 -10.84
CA THR B 114 -9.56 16.64 -11.22
C THR B 114 -9.25 17.03 -12.65
N ASN B 115 -10.09 17.89 -13.21
CA ASN B 115 -9.76 18.55 -14.50
C ASN B 115 -9.42 20.01 -14.28
#